data_4A2D
#
_entry.id   4A2D
#
_cell.length_a   56.020
_cell.length_b   85.390
_cell.length_c   151.530
_cell.angle_alpha   90.00
_cell.angle_beta   90.00
_cell.angle_gamma   90.00
#
_symmetry.space_group_name_H-M   'P 21 21 21'
#
loop_
_entity.id
_entity.type
_entity.pdbx_description
1 polymer LACCASE
2 branched 2-acetamido-2-deoxy-beta-D-glucopyranose-(1-4)-2-acetamido-2-deoxy-beta-D-glucopyranose
3 non-polymer 'COPPER (II) ION'
4 non-polymer beta-D-mannopyranose
5 water water
#
_entity_poly.entity_id   1
_entity_poly.type   'polypeptide(L)'
_entity_poly.pdbx_seq_one_letter_code
;AIGPVADLTISNGAVSPDGFSRQAILVNDVFPSPLITGNKGDRFQLNVIDNMTNHTMLKSTSIHWHGFFQHGTNWADGPA
FVNQCPISTGHAFLYDFQVPDQAGTFWYHSHLSTQYCDGLRGPIVVYDPNDPHASLYDVDDDSTVITLADWYHLAAKVGA
PVPTADATLINGLGRSAATLAADLAVITVTKGKRYRFRLVSLSCDPNYTFSIDGHSLTVIEADSVNLKPHTVDSLQIFAA
QRYSFVLNADQDVDNYWIRALPNSGTQNFAGGTNSAILRYDGAAPVEPTTSQTPSTNPLVESALTTLKGTAAPGSPTPGG
VDLALNMAFGFAGGNFTINGASFTPPTVPVLLQILSGAQSAADLLPAGSVYSLPANADIEISLPATAAAPGFPHPFHLHG
HVFAVVRSAGSSTYNYANPVYRDVVSTGAPGDNVTIRFRTDNPGPWFLHCHIDFHLEAGFAVVMAEDIPDVAATNPVPQA
WSDLCPTYDALSPDDQ
;
_entity_poly.pdbx_strand_id   A
#
# COMPACT_ATOMS: atom_id res chain seq x y z
N ALA A 1 18.32 2.82 -2.04
CA ALA A 1 19.62 3.55 -2.16
C ALA A 1 19.96 4.39 -0.92
N ILE A 2 18.97 5.03 -0.30
CA ILE A 2 19.15 5.62 1.05
C ILE A 2 18.54 4.71 2.14
N GLY A 3 18.94 4.90 3.39
CA GLY A 3 18.39 4.14 4.52
C GLY A 3 19.34 3.06 4.99
N PRO A 4 19.02 2.39 6.11
CA PRO A 4 17.79 2.50 6.91
C PRO A 4 17.74 3.67 7.90
N VAL A 5 18.86 4.40 8.03
CA VAL A 5 18.96 5.67 8.77
C VAL A 5 19.15 6.79 7.74
N ALA A 6 18.25 7.77 7.73
CA ALA A 6 18.22 8.81 6.70
C ALA A 6 17.24 9.93 7.03
N ASP A 7 17.51 11.11 6.46
CA ASP A 7 16.58 12.22 6.48
C ASP A 7 15.65 12.11 5.29
N LEU A 8 14.38 12.46 5.50
CA LEU A 8 13.42 12.58 4.42
C LEU A 8 12.84 13.98 4.53
N THR A 9 13.24 14.83 3.61
CA THR A 9 12.81 16.21 3.61
C THR A 9 11.66 16.38 2.64
N ILE A 10 10.52 16.81 3.18
CA ILE A 10 9.33 17.03 2.39
C ILE A 10 9.21 18.50 1.99
N SER A 11 8.98 18.74 0.70
CA SER A 11 8.81 20.09 0.17
C SER A 11 7.89 20.07 -1.04
N ASN A 12 7.49 21.24 -1.51
CA ASN A 12 6.69 21.35 -2.72
C ASN A 12 7.53 21.82 -3.88
N GLY A 13 7.15 21.43 -5.08
CA GLY A 13 7.81 21.90 -6.29
C GLY A 13 7.07 21.38 -7.50
N ALA A 14 7.47 21.85 -8.68
CA ALA A 14 6.87 21.41 -9.92
C ALA A 14 7.48 20.11 -10.42
N VAL A 15 6.65 19.26 -10.98
CA VAL A 15 7.05 17.96 -11.52
C VAL A 15 6.35 17.79 -12.86
N SER A 16 6.88 16.92 -13.73
CA SER A 16 6.20 16.58 -14.98
C SER A 16 6.53 15.15 -15.39
N PRO A 17 5.99 14.17 -14.62
CA PRO A 17 6.30 12.77 -14.86
C PRO A 17 5.73 12.28 -16.19
N ASP A 18 4.73 12.99 -16.71
CA ASP A 18 4.09 12.64 -17.97
C ASP A 18 4.15 13.77 -18.98
N GLY A 19 5.11 14.67 -18.78
CA GLY A 19 5.30 15.84 -19.65
C GLY A 19 4.35 17.01 -19.42
N PHE A 20 3.54 16.93 -18.36
CA PHE A 20 2.67 18.04 -17.96
C PHE A 20 3.20 18.59 -16.63
N SER A 21 3.32 19.91 -16.53
CA SER A 21 3.88 20.50 -15.30
C SER A 21 2.78 20.82 -14.32
N ARG A 22 2.98 20.38 -13.08
CA ARG A 22 2.04 20.68 -12.01
C ARG A 22 2.78 20.68 -10.69
N GLN A 23 2.22 21.41 -9.72
CA GLN A 23 2.75 21.40 -8.35
C GLN A 23 2.50 20.06 -7.73
N ALA A 24 3.49 19.57 -6.97
CA ALA A 24 3.36 18.27 -6.29
C ALA A 24 4.15 18.25 -4.99
N ILE A 25 4.31 17.06 -4.43
CA ILE A 25 5.11 16.87 -3.22
C ILE A 25 6.42 16.16 -3.54
N LEU A 26 7.51 16.76 -3.08
CA LEU A 26 8.86 16.27 -3.30
C LEU A 26 9.41 15.68 -2.01
N VAL A 27 10.31 14.71 -2.16
CA VAL A 27 10.96 14.06 -1.03
C VAL A 27 12.44 14.01 -1.37
N ASN A 28 13.26 14.53 -0.47
CA ASN A 28 14.68 14.82 -0.73
C ASN A 28 14.95 15.52 -2.07
N ASP A 29 13.98 16.33 -2.49
CA ASP A 29 14.08 17.21 -3.66
C ASP A 29 13.84 16.49 -4.98
N VAL A 30 13.28 15.28 -4.91
CA VAL A 30 12.97 14.52 -6.12
C VAL A 30 11.54 14.02 -6.19
N PHE A 31 11.08 13.88 -7.43
CA PHE A 31 9.89 13.11 -7.75
C PHE A 31 10.29 12.08 -8.82
N PRO A 32 9.80 10.81 -8.69
CA PRO A 32 9.00 10.30 -7.59
C PRO A 32 9.87 10.11 -6.36
N SER A 33 9.25 9.83 -5.21
CA SER A 33 9.96 9.79 -3.93
C SER A 33 11.03 8.70 -4.01
N PRO A 34 12.16 8.89 -3.30
CA PRO A 34 13.24 7.89 -3.44
C PRO A 34 12.97 6.56 -2.74
N LEU A 35 13.66 5.52 -3.22
CA LEU A 35 13.66 4.20 -2.63
C LEU A 35 14.46 4.18 -1.35
N ILE A 36 13.89 3.57 -0.32
CA ILE A 36 14.60 3.29 0.92
C ILE A 36 14.83 1.78 1.03
N THR A 37 16.05 1.41 1.45
CA THR A 37 16.42 0.02 1.60
C THR A 37 17.00 -0.21 2.99
N GLY A 38 16.94 -1.47 3.43
CA GLY A 38 17.61 -1.94 4.64
C GLY A 38 17.62 -3.44 4.59
N ASN A 39 18.02 -4.10 5.68
CA ASN A 39 17.98 -5.57 5.76
C ASN A 39 17.06 -6.07 6.86
N LYS A 40 16.61 -7.32 6.72
CA LYS A 40 15.81 -7.99 7.75
C LYS A 40 16.38 -7.78 9.17
N GLY A 41 15.51 -7.34 10.10
CA GLY A 41 15.91 -7.14 11.48
C GLY A 41 16.45 -5.76 11.85
N ASP A 42 16.71 -4.92 10.84
CA ASP A 42 17.34 -3.61 11.04
C ASP A 42 16.48 -2.63 11.82
N ARG A 43 17.15 -1.66 12.46
CA ARG A 43 16.52 -0.45 12.98
C ARG A 43 16.48 0.63 11.91
N PHE A 44 15.27 1.08 11.57
CA PHE A 44 15.05 2.25 10.71
C PHE A 44 14.89 3.53 11.56
N GLN A 45 15.66 4.55 11.20
CA GLN A 45 15.53 5.86 11.81
C GLN A 45 15.38 6.85 10.68
N LEU A 46 14.13 7.17 10.40
CA LEU A 46 13.76 8.07 9.31
C LEU A 46 13.20 9.38 9.84
N ASN A 47 14.04 10.41 9.71
CA ASN A 47 13.76 11.75 10.14
C ASN A 47 13.03 12.52 9.07
N VAL A 48 11.72 12.59 9.25
CA VAL A 48 10.85 13.28 8.31
C VAL A 48 10.88 14.77 8.66
N ILE A 49 11.54 15.54 7.81
CA ILE A 49 11.65 16.96 7.97
C ILE A 49 10.60 17.61 7.07
N ASP A 50 9.61 18.26 7.68
CA ASP A 50 8.49 18.83 6.93
C ASP A 50 8.74 20.30 6.57
N ASN A 51 8.97 20.56 5.27
CA ASN A 51 9.15 21.93 4.78
C ASN A 51 8.13 22.35 3.73
N MET A 52 6.95 21.72 3.76
CA MET A 52 5.89 22.03 2.79
C MET A 52 5.20 23.36 3.12
N THR A 53 4.95 24.14 2.07
CA THR A 53 4.47 25.51 2.21
C THR A 53 3.12 25.70 1.54
N ASN A 54 2.60 24.61 0.95
CA ASN A 54 1.34 24.64 0.18
C ASN A 54 0.20 23.97 0.96
N HIS A 55 -0.83 24.74 1.30
CA HIS A 55 -1.94 24.25 2.14
C HIS A 55 -3.00 23.45 1.35
N THR A 56 -3.14 23.76 0.06
CA THR A 56 -4.03 23.04 -0.81
C THR A 56 -3.66 21.54 -0.83
N MET A 57 -2.36 21.25 -0.74
CA MET A 57 -1.89 19.87 -0.62
C MET A 57 -1.50 19.48 0.81
N LEU A 58 -1.72 20.42 1.73
CA LEU A 58 -1.48 20.28 3.18
C LEU A 58 -0.02 20.42 3.52
N LYS A 59 0.28 21.31 4.46
CA LYS A 59 1.66 21.57 4.87
C LYS A 59 2.06 20.59 5.93
N SER A 60 1.06 19.96 6.55
CA SER A 60 1.28 18.99 7.58
C SER A 60 1.49 17.64 6.92
N THR A 61 2.15 16.72 7.61
CA THR A 61 2.32 15.39 7.06
C THR A 61 2.43 14.28 8.10
N SER A 62 2.37 13.05 7.61
CA SER A 62 2.37 11.86 8.43
C SER A 62 2.71 10.72 7.50
N ILE A 63 3.70 9.90 7.86
CA ILE A 63 4.14 8.84 6.97
C ILE A 63 3.80 7.46 7.54
N HIS A 64 3.22 6.63 6.70
CA HIS A 64 2.93 5.27 7.10
C HIS A 64 3.95 4.40 6.39
N TRP A 65 4.55 3.50 7.15
CA TRP A 65 5.52 2.55 6.62
C TRP A 65 4.78 1.22 6.40
N HIS A 66 4.27 1.09 5.19
CA HIS A 66 3.29 0.08 4.87
C HIS A 66 3.81 -1.35 4.82
N GLY A 67 3.28 -2.20 5.70
CA GLY A 67 3.61 -3.61 5.70
C GLY A 67 4.35 -4.01 6.96
N PHE A 68 5.05 -3.03 7.56
CA PHE A 68 5.79 -3.23 8.81
C PHE A 68 4.81 -3.40 9.98
N PHE A 69 5.08 -4.38 10.86
CA PHE A 69 4.16 -4.70 11.96
C PHE A 69 4.18 -3.62 13.08
N GLN A 70 5.28 -2.90 13.18
CA GLN A 70 5.42 -1.85 14.20
C GLN A 70 5.07 -2.32 15.64
N HIS A 71 5.49 -3.54 16.00
CA HIS A 71 5.26 -4.08 17.34
C HIS A 71 6.09 -3.28 18.36
N GLY A 72 5.40 -2.65 19.30
CA GLY A 72 6.05 -1.85 20.34
C GLY A 72 6.19 -0.39 19.93
N THR A 73 5.89 -0.10 18.67
CA THR A 73 6.05 1.22 18.11
C THR A 73 4.82 1.58 17.30
N ASN A 74 3.65 1.29 17.86
CA ASN A 74 2.36 1.68 17.28
C ASN A 74 2.26 3.20 17.01
N TRP A 75 2.97 3.99 17.81
CA TRP A 75 3.05 5.45 17.64
C TRP A 75 3.67 5.89 16.30
N ALA A 76 4.44 4.99 15.68
CA ALA A 76 5.23 5.29 14.46
C ALA A 76 4.54 4.83 13.17
N ASP A 77 3.34 4.27 13.30
CA ASP A 77 2.66 3.61 12.18
C ASP A 77 2.25 4.57 11.05
N GLY A 78 1.94 5.83 11.37
CA GLY A 78 1.61 6.82 10.34
C GLY A 78 0.21 7.43 10.23
N PRO A 79 -0.88 6.61 10.35
CA PRO A 79 -2.22 7.18 10.19
C PRO A 79 -2.47 8.43 11.08
N ALA A 80 -2.84 9.53 10.42
CA ALA A 80 -3.18 10.76 11.12
C ALA A 80 -4.44 10.55 11.95
N PHE A 81 -4.36 10.92 13.23
CA PHE A 81 -5.49 10.87 14.18
C PHE A 81 -5.93 9.46 14.56
N VAL A 82 -5.12 8.48 14.21
CA VAL A 82 -5.24 7.13 14.75
C VAL A 82 -4.01 6.89 15.62
N ASN A 83 -2.83 7.10 15.05
CA ASN A 83 -1.56 6.75 15.68
C ASN A 83 -0.67 7.95 16.05
N GLN A 84 -0.99 9.10 15.46
CA GLN A 84 -0.33 10.37 15.76
C GLN A 84 -1.17 11.56 15.27
N CYS A 85 -0.81 12.75 15.77
CA CYS A 85 -1.15 14.01 15.12
C CYS A 85 -0.07 14.28 14.07
N PRO A 86 -0.47 14.92 12.95
CA PRO A 86 0.44 15.19 11.86
C PRO A 86 1.69 15.99 12.28
N ILE A 87 2.78 15.77 11.57
CA ILE A 87 3.96 16.63 11.69
C ILE A 87 3.58 17.99 11.12
N SER A 88 3.81 19.04 11.89
CA SER A 88 3.52 20.39 11.44
C SER A 88 4.70 20.90 10.62
N THR A 89 4.45 21.78 9.66
CA THR A 89 5.51 22.36 8.81
C THR A 89 6.56 23.16 9.59
N GLY A 90 7.81 23.10 9.15
CA GLY A 90 8.89 23.78 9.87
C GLY A 90 9.39 22.95 11.05
N HIS A 91 8.78 21.77 11.23
CA HIS A 91 9.19 20.81 12.25
C HIS A 91 9.62 19.50 11.60
N ALA A 92 10.41 18.74 12.35
CA ALA A 92 10.81 17.38 11.99
C ALA A 92 10.31 16.39 13.04
N PHE A 93 10.16 15.14 12.60
CA PHE A 93 9.80 14.03 13.50
C PHE A 93 10.49 12.74 13.06
N LEU A 94 11.11 12.06 14.03
CA LEU A 94 11.82 10.79 13.79
C LEU A 94 10.94 9.54 14.00
N TYR A 95 10.79 8.76 12.94
CA TYR A 95 10.23 7.41 13.04
C TYR A 95 11.36 6.44 13.30
N ASP A 96 11.33 5.82 14.47
CA ASP A 96 12.40 4.98 14.98
C ASP A 96 11.73 3.64 15.31
N PHE A 97 11.88 2.66 14.42
CA PHE A 97 11.28 1.36 14.63
C PHE A 97 12.23 0.26 14.16
N GLN A 98 11.83 -0.98 14.37
CA GLN A 98 12.64 -2.14 14.02
C GLN A 98 11.81 -3.05 13.14
N VAL A 99 12.47 -3.85 12.31
CA VAL A 99 11.76 -4.79 11.46
C VAL A 99 12.10 -6.29 11.75
N PRO A 100 11.88 -6.73 13.01
CA PRO A 100 12.17 -8.15 13.26
C PRO A 100 11.26 -9.02 12.41
N ASP A 101 11.79 -10.14 11.93
CA ASP A 101 11.01 -11.18 11.27
C ASP A 101 10.28 -10.79 10.00
N GLN A 102 10.72 -9.73 9.34
CA GLN A 102 10.08 -9.29 8.11
C GLN A 102 11.12 -8.93 7.07
N ALA A 103 10.86 -9.34 5.85
CA ALA A 103 11.69 -9.02 4.71
C ALA A 103 10.82 -9.12 3.48
N GLY A 104 11.14 -8.31 2.48
CA GLY A 104 10.33 -8.27 1.26
C GLY A 104 10.17 -6.85 0.78
N THR A 105 9.10 -6.62 0.02
CA THR A 105 8.82 -5.33 -0.60
C THR A 105 7.72 -4.57 0.16
N PHE A 106 8.03 -3.30 0.44
CA PHE A 106 7.18 -2.40 1.20
C PHE A 106 7.08 -1.05 0.45
N TRP A 107 6.35 -0.09 1.02
CA TRP A 107 6.36 1.30 0.57
C TRP A 107 5.95 2.24 1.68
N TYR A 108 6.31 3.52 1.48
CA TYR A 108 5.94 4.55 2.39
C TYR A 108 5.09 5.58 1.66
N HIS A 109 4.22 6.24 2.41
CA HIS A 109 3.34 7.24 1.85
C HIS A 109 2.76 8.07 2.95
N SER A 110 2.29 9.26 2.58
CA SER A 110 1.57 10.10 3.50
C SER A 110 0.29 9.38 3.92
N HIS A 111 -0.01 9.40 5.22
CA HIS A 111 -1.25 8.83 5.70
C HIS A 111 -2.10 9.91 6.33
N LEU A 112 -2.08 11.07 5.69
CA LEU A 112 -2.93 12.18 6.09
C LEU A 112 -3.83 12.56 4.94
N SER A 113 -5.13 12.36 5.13
CA SER A 113 -6.11 12.65 4.10
C SER A 113 -5.66 12.02 2.75
N THR A 114 -5.83 12.72 1.65
CA THR A 114 -5.49 12.14 0.35
C THR A 114 -4.15 12.70 -0.16
N GLN A 115 -3.27 13.08 0.77
CA GLN A 115 -2.02 13.76 0.45
C GLN A 115 -1.03 12.95 -0.39
N TYR A 116 -1.06 11.61 -0.25
CA TYR A 116 -0.10 10.76 -0.97
C TYR A 116 -0.29 10.75 -2.48
N CYS A 117 -1.51 11.01 -2.95
CA CYS A 117 -1.77 11.17 -4.38
C CYS A 117 -1.05 12.37 -5.00
N ASP A 118 -0.70 13.33 -4.17
CA ASP A 118 0.01 14.51 -4.62
C ASP A 118 1.53 14.26 -4.70
N GLY A 119 1.97 13.01 -4.44
CA GLY A 119 3.37 12.63 -4.69
C GLY A 119 4.25 12.09 -3.57
N LEU A 120 3.74 12.12 -2.34
CA LEU A 120 4.54 11.65 -1.24
C LEU A 120 4.27 10.15 -1.11
N ARG A 121 5.03 9.35 -1.86
CA ARG A 121 4.90 7.89 -1.91
C ARG A 121 6.11 7.30 -2.60
N GLY A 122 6.76 6.36 -1.93
CA GLY A 122 7.94 5.72 -2.49
C GLY A 122 8.15 4.28 -2.06
N PRO A 123 8.94 3.52 -2.84
CA PRO A 123 9.08 2.11 -2.50
C PRO A 123 10.07 1.88 -1.36
N ILE A 124 9.94 0.75 -0.69
CA ILE A 124 10.92 0.31 0.29
C ILE A 124 11.21 -1.17 0.05
N VAL A 125 12.47 -1.54 0.17
CA VAL A 125 12.84 -2.94 0.08
C VAL A 125 13.61 -3.32 1.33
N VAL A 126 13.19 -4.39 1.98
CA VAL A 126 13.95 -4.97 3.08
C VAL A 126 14.56 -6.30 2.62
N TYR A 127 15.88 -6.28 2.38
CA TYR A 127 16.62 -7.41 1.86
C TYR A 127 16.79 -8.46 2.96
N ASP A 128 16.70 -9.72 2.55
CA ASP A 128 16.89 -10.84 3.44
C ASP A 128 18.20 -11.49 3.03
N PRO A 129 19.24 -11.42 3.87
CA PRO A 129 20.50 -12.03 3.44
C PRO A 129 20.40 -13.55 3.30
N ASN A 130 19.39 -14.17 3.91
CA ASN A 130 19.14 -15.62 3.82
C ASN A 130 17.83 -15.88 3.12
N ASP A 131 17.45 -15.00 2.19
CA ASP A 131 16.19 -15.13 1.46
C ASP A 131 16.03 -16.56 0.96
N PRO A 132 14.91 -17.22 1.34
CA PRO A 132 14.59 -18.57 0.86
C PRO A 132 14.64 -18.71 -0.67
N HIS A 133 14.42 -17.60 -1.38
CA HIS A 133 14.39 -17.59 -2.86
C HIS A 133 15.64 -16.98 -3.49
N ALA A 134 16.69 -16.74 -2.69
CA ALA A 134 17.92 -16.14 -3.24
C ALA A 134 18.39 -16.83 -4.53
N SER A 135 18.27 -18.15 -4.60
CA SER A 135 18.82 -18.95 -5.72
C SER A 135 17.99 -18.93 -7.00
N LEU A 136 16.87 -18.23 -6.99
CA LEU A 136 16.02 -18.15 -8.18
C LEU A 136 16.46 -17.03 -9.15
N TYR A 137 17.36 -16.15 -8.73
CA TYR A 137 17.70 -14.99 -9.56
C TYR A 137 19.17 -14.56 -9.41
N ASP A 138 19.65 -13.76 -10.38
CA ASP A 138 21.02 -13.23 -10.34
C ASP A 138 21.07 -11.75 -9.94
N VAL A 139 19.98 -11.02 -10.19
CA VAL A 139 19.91 -9.57 -9.96
C VAL A 139 18.69 -9.17 -9.14
N ASP A 140 18.96 -8.47 -8.03
CA ASP A 140 17.96 -7.89 -7.19
C ASP A 140 18.54 -6.62 -6.59
N ASP A 141 18.15 -5.47 -7.14
CA ASP A 141 18.74 -4.20 -6.71
C ASP A 141 17.83 -3.01 -6.99
N ASP A 142 18.39 -1.80 -7.00
CA ASP A 142 17.58 -0.59 -7.23
C ASP A 142 16.92 -0.57 -8.60
N SER A 143 17.56 -1.17 -9.60
CA SER A 143 17.02 -1.14 -10.97
C SER A 143 15.92 -2.19 -11.19
N THR A 144 15.68 -3.00 -10.18
CA THR A 144 14.71 -4.08 -10.29
C THR A 144 13.45 -3.78 -9.48
N VAL A 145 13.38 -2.61 -8.85
CA VAL A 145 12.13 -2.15 -8.26
C VAL A 145 11.27 -1.53 -9.36
N ILE A 146 10.01 -1.95 -9.44
CA ILE A 146 9.04 -1.40 -10.38
C ILE A 146 7.85 -0.82 -9.62
N THR A 147 7.61 0.48 -9.77
CA THR A 147 6.47 1.11 -9.12
C THR A 147 5.42 1.45 -10.16
N LEU A 148 4.16 1.30 -9.75
CA LEU A 148 3.01 1.72 -10.54
C LEU A 148 2.26 2.78 -9.74
N ALA A 149 1.75 3.79 -10.44
CA ALA A 149 1.03 4.88 -9.76
C ALA A 149 0.02 5.51 -10.69
N ASP A 150 -1.02 6.07 -10.11
CA ASP A 150 -1.97 6.89 -10.86
C ASP A 150 -1.56 8.33 -10.76
N TRP A 151 -1.75 9.07 -11.85
CA TRP A 151 -1.33 10.48 -11.86
C TRP A 151 -2.40 11.43 -12.43
N TYR A 152 -2.55 12.57 -11.76
CA TYR A 152 -3.63 13.52 -12.02
C TYR A 152 -3.05 14.89 -12.31
N HIS A 153 -3.62 15.55 -13.30
CA HIS A 153 -3.18 16.88 -13.64
C HIS A 153 -3.73 17.92 -12.70
N LEU A 154 -4.86 17.62 -12.07
CA LEU A 154 -5.41 18.44 -10.99
C LEU A 154 -5.17 17.78 -9.66
N ALA A 155 -4.73 18.54 -8.66
CA ALA A 155 -4.47 18.01 -7.32
C ALA A 155 -5.71 17.36 -6.68
N ALA A 156 -5.45 16.53 -5.66
CA ALA A 156 -6.46 15.84 -4.85
C ALA A 156 -7.64 16.74 -4.41
N LYS A 157 -7.33 17.89 -3.80
CA LYS A 157 -8.35 18.82 -3.29
C LYS A 157 -8.91 19.77 -4.36
N VAL A 158 -8.34 19.71 -5.57
CA VAL A 158 -8.66 20.66 -6.64
C VAL A 158 -9.62 20.05 -7.66
N GLY A 159 -9.34 18.82 -8.08
CA GLY A 159 -10.17 18.12 -9.05
C GLY A 159 -11.42 17.51 -8.42
N ALA A 160 -12.06 16.61 -9.17
CA ALA A 160 -13.23 15.87 -8.71
C ALA A 160 -12.93 15.06 -7.44
N PRO A 161 -13.97 14.83 -6.59
CA PRO A 161 -13.79 14.01 -5.38
C PRO A 161 -13.43 12.53 -5.65
N VAL A 162 -13.85 12.00 -6.80
CA VAL A 162 -13.28 10.75 -7.35
C VAL A 162 -12.84 10.99 -8.82
N PRO A 163 -11.59 11.44 -8.98
CA PRO A 163 -11.06 11.81 -10.29
C PRO A 163 -10.64 10.61 -11.11
N THR A 164 -10.61 10.79 -12.42
CA THR A 164 -10.02 9.81 -13.31
C THR A 164 -8.57 10.21 -13.58
N ALA A 165 -7.67 9.23 -13.51
CA ALA A 165 -6.26 9.48 -13.76
C ALA A 165 -5.99 9.89 -15.21
N ASP A 166 -5.08 10.85 -15.37
CA ASP A 166 -4.66 11.30 -16.67
C ASP A 166 -3.59 10.39 -17.22
N ALA A 167 -2.96 9.64 -16.31
CA ALA A 167 -1.81 8.81 -16.66
C ALA A 167 -1.50 7.74 -15.61
N THR A 168 -1.00 6.61 -16.10
CA THR A 168 -0.37 5.61 -15.26
C THR A 168 1.13 5.86 -15.32
N LEU A 169 1.79 5.97 -14.17
CA LEU A 169 3.25 6.10 -14.14
C LEU A 169 3.90 4.78 -13.73
N ILE A 170 4.88 4.35 -14.51
CA ILE A 170 5.70 3.22 -14.17
C ILE A 170 7.11 3.77 -13.89
N ASN A 171 7.65 3.44 -12.73
CA ASN A 171 8.84 4.08 -12.21
C ASN A 171 8.81 5.61 -12.39
N GLY A 172 7.64 6.17 -12.12
CA GLY A 172 7.45 7.60 -12.12
C GLY A 172 7.41 8.27 -13.48
N LEU A 173 7.17 7.48 -14.53
CA LEU A 173 7.14 8.00 -15.91
C LEU A 173 6.07 7.28 -16.71
N GLY A 174 5.30 8.06 -17.47
CA GLY A 174 4.25 7.52 -18.32
C GLY A 174 3.69 8.57 -19.26
N ARG A 175 2.76 8.18 -20.10
CA ARG A 175 2.17 9.11 -21.04
C ARG A 175 0.69 9.37 -20.74
N SER A 176 0.26 10.60 -21.00
CA SER A 176 -1.16 10.94 -21.02
C SER A 176 -1.67 11.16 -22.46
N ALA A 177 -2.98 11.07 -22.67
CA ALA A 177 -3.63 11.36 -23.97
C ALA A 177 -3.01 12.49 -24.78
N ALA A 178 -2.55 13.56 -24.11
CA ALA A 178 -2.03 14.76 -24.80
C ALA A 178 -0.52 15.00 -24.67
N THR A 179 0.21 13.99 -24.17
CA THR A 179 1.67 14.05 -24.08
C THR A 179 2.26 12.72 -24.54
N LEU A 180 1.84 12.27 -25.74
CA LEU A 180 2.15 10.93 -26.23
C LEU A 180 3.62 10.76 -26.64
N ALA A 181 4.38 11.85 -26.51
CA ALA A 181 5.81 11.86 -26.84
C ALA A 181 6.66 11.87 -25.56
N ALA A 182 5.98 11.93 -24.41
CA ALA A 182 6.66 11.94 -23.12
C ALA A 182 7.50 10.68 -22.92
N ASP A 183 8.66 10.85 -22.27
CA ASP A 183 9.59 9.75 -21.96
C ASP A 183 8.92 8.58 -21.22
N LEU A 184 9.17 7.36 -21.70
CA LEU A 184 8.72 6.14 -21.05
C LEU A 184 9.82 5.58 -20.15
N ALA A 185 9.42 4.83 -19.12
CA ALA A 185 10.40 4.15 -18.27
C ALA A 185 11.02 2.97 -19.00
N VAL A 186 12.34 2.79 -18.83
CA VAL A 186 13.08 1.68 -19.43
C VAL A 186 13.68 0.80 -18.33
N ILE A 187 13.32 -0.47 -18.36
CA ILE A 187 13.87 -1.45 -17.45
C ILE A 187 14.79 -2.33 -18.30
N THR A 188 16.09 -2.26 -18.00
CA THR A 188 17.12 -2.93 -18.81
C THR A 188 17.43 -4.32 -18.25
N VAL A 189 17.57 -5.30 -19.15
CA VAL A 189 18.01 -6.66 -18.78
C VAL A 189 19.07 -7.18 -19.75
N THR A 190 19.95 -8.04 -19.24
CA THR A 190 20.90 -8.79 -20.05
C THR A 190 20.36 -10.21 -20.29
N LYS A 191 20.37 -10.66 -21.56
CA LYS A 191 20.02 -12.04 -21.90
C LYS A 191 20.82 -13.08 -21.10
N GLY A 192 20.11 -14.09 -20.60
CA GLY A 192 20.72 -15.14 -19.81
C GLY A 192 20.58 -14.92 -18.32
N LYS A 193 20.40 -13.67 -17.89
CA LYS A 193 20.24 -13.36 -16.45
C LYS A 193 18.79 -13.46 -15.94
N ARG A 194 18.65 -13.69 -14.63
CA ARG A 194 17.33 -13.80 -14.00
C ARG A 194 17.14 -12.69 -12.95
N TYR A 195 15.98 -12.05 -12.99
CA TYR A 195 15.72 -10.81 -12.25
C TYR A 195 14.64 -10.97 -11.21
N ARG A 196 14.96 -10.54 -9.98
CA ARG A 196 13.91 -10.32 -8.99
C ARG A 196 13.38 -8.91 -9.14
N PHE A 197 12.30 -8.80 -9.92
CA PHE A 197 11.55 -7.55 -10.01
C PHE A 197 10.60 -7.40 -8.82
N ARG A 198 10.64 -6.23 -8.19
CA ARG A 198 9.80 -5.97 -7.05
C ARG A 198 8.80 -4.90 -7.44
N LEU A 199 7.57 -5.36 -7.65
CA LEU A 199 6.48 -4.55 -8.14
C LEU A 199 5.66 -4.06 -6.95
N VAL A 200 5.54 -2.74 -6.81
CA VAL A 200 4.71 -2.12 -5.78
C VAL A 200 3.69 -1.10 -6.35
N SER A 201 2.44 -1.23 -5.91
CA SER A 201 1.40 -0.30 -6.29
C SER A 201 1.34 0.84 -5.28
N LEU A 202 1.64 2.05 -5.78
CA LEU A 202 1.62 3.31 -5.04
C LEU A 202 0.30 4.02 -5.35
N SER A 203 -0.59 3.28 -6.01
CA SER A 203 -1.82 3.81 -6.57
C SER A 203 -2.69 4.41 -5.49
N CYS A 204 -3.36 5.52 -5.84
CA CYS A 204 -4.37 6.12 -4.97
C CYS A 204 -5.73 5.51 -5.24
N ASP A 205 -5.87 4.81 -6.36
CA ASP A 205 -7.19 4.33 -6.80
C ASP A 205 -7.16 3.06 -7.68
N PRO A 206 -6.83 3.18 -8.98
CA PRO A 206 -6.98 2.03 -9.88
C PRO A 206 -6.16 0.79 -9.51
N ASN A 207 -6.63 -0.38 -9.93
CA ASN A 207 -5.81 -1.58 -9.92
C ASN A 207 -5.26 -1.75 -11.33
N TYR A 208 -4.07 -2.34 -11.44
CA TYR A 208 -3.49 -2.59 -12.76
C TYR A 208 -3.43 -4.08 -13.09
N THR A 209 -3.78 -4.39 -14.34
CA THR A 209 -3.55 -5.71 -14.88
C THR A 209 -2.18 -5.67 -15.53
N PHE A 210 -1.24 -6.29 -14.85
CA PHE A 210 0.17 -6.20 -15.17
C PHE A 210 0.61 -7.39 -16.00
N SER A 211 1.26 -7.11 -17.13
CA SER A 211 1.89 -8.14 -17.93
C SER A 211 3.11 -7.57 -18.64
N ILE A 212 3.98 -8.48 -19.09
CA ILE A 212 5.11 -8.15 -19.92
C ILE A 212 5.05 -9.02 -21.19
N ASP A 213 5.01 -8.36 -22.35
CA ASP A 213 4.94 -9.07 -23.63
C ASP A 213 6.04 -10.13 -23.77
N GLY A 214 5.63 -11.34 -24.13
CA GLY A 214 6.54 -12.46 -24.41
C GLY A 214 7.20 -13.11 -23.21
N HIS A 215 6.92 -12.60 -22.01
CA HIS A 215 7.57 -13.12 -20.81
C HIS A 215 6.58 -13.64 -19.77
N SER A 216 7.00 -14.66 -19.03
CA SER A 216 6.25 -15.13 -17.89
C SER A 216 6.84 -14.57 -16.61
N LEU A 217 6.01 -14.54 -15.59
CA LEU A 217 6.39 -13.93 -14.31
C LEU A 217 6.29 -15.01 -13.26
N THR A 218 7.40 -15.30 -12.58
CA THR A 218 7.34 -16.27 -11.47
C THR A 218 7.20 -15.56 -10.14
N VAL A 219 5.99 -15.61 -9.60
CA VAL A 219 5.64 -14.87 -8.39
C VAL A 219 6.10 -15.64 -7.15
N ILE A 220 6.87 -14.97 -6.29
CA ILE A 220 7.56 -15.60 -5.14
C ILE A 220 7.37 -14.87 -3.79
N GLU A 221 6.72 -13.70 -3.79
CA GLU A 221 6.46 -12.88 -2.58
C GLU A 221 5.19 -12.06 -2.82
N ALA A 222 4.27 -12.08 -1.87
CA ALA A 222 3.08 -11.22 -1.94
C ALA A 222 2.98 -10.41 -0.66
N ASP A 223 2.89 -9.09 -0.81
CA ASP A 223 2.77 -8.19 0.35
C ASP A 223 3.73 -8.60 1.47
N SER A 224 5.01 -8.76 1.14
CA SER A 224 6.06 -9.09 2.13
C SER A 224 5.98 -10.51 2.74
N VAL A 225 5.23 -11.39 2.08
CA VAL A 225 5.14 -12.75 2.52
C VAL A 225 5.70 -13.65 1.42
N ASN A 226 6.58 -14.56 1.82
CA ASN A 226 7.12 -15.56 0.90
C ASN A 226 6.05 -16.55 0.44
N LEU A 227 6.06 -16.83 -0.85
CA LEU A 227 5.12 -17.74 -1.48
C LEU A 227 5.84 -18.98 -1.95
N LYS A 228 5.10 -20.00 -2.36
CA LYS A 228 5.65 -21.01 -3.27
C LYS A 228 5.64 -20.38 -4.64
N PRO A 229 6.74 -20.56 -5.40
CA PRO A 229 6.83 -19.99 -6.73
C PRO A 229 5.60 -20.38 -7.55
N HIS A 230 5.08 -19.42 -8.31
CA HIS A 230 3.85 -19.61 -9.04
C HIS A 230 3.91 -18.77 -10.29
N THR A 231 4.11 -19.45 -11.40
CA THR A 231 4.34 -18.82 -12.68
C THR A 231 3.00 -18.44 -13.30
N VAL A 232 2.91 -17.19 -13.74
CA VAL A 232 1.71 -16.65 -14.42
C VAL A 232 2.14 -15.80 -15.61
N ASP A 233 1.19 -15.53 -16.51
CA ASP A 233 1.44 -14.66 -17.68
C ASP A 233 0.84 -13.26 -17.52
N SER A 234 0.08 -13.06 -16.44
CA SER A 234 -0.40 -11.73 -16.04
C SER A 234 -0.86 -11.74 -14.59
N LEU A 235 -0.96 -10.54 -14.01
CA LEU A 235 -1.45 -10.41 -12.65
C LEU A 235 -2.18 -9.08 -12.46
N GLN A 236 -3.23 -9.14 -11.64
CA GLN A 236 -3.98 -7.97 -11.23
C GLN A 236 -3.40 -7.54 -9.89
N ILE A 237 -2.86 -6.32 -9.83
CA ILE A 237 -2.29 -5.77 -8.58
C ILE A 237 -3.14 -4.59 -8.08
N PHE A 238 -3.48 -4.62 -6.80
CA PHE A 238 -4.37 -3.62 -6.22
C PHE A 238 -3.57 -2.57 -5.46
N ALA A 239 -4.18 -1.40 -5.30
CA ALA A 239 -3.57 -0.31 -4.55
C ALA A 239 -2.89 -0.84 -3.29
N ALA A 240 -1.59 -0.58 -3.17
CA ALA A 240 -0.78 -0.89 -1.96
C ALA A 240 -0.24 -2.32 -1.82
N GLN A 241 -0.68 -3.23 -2.70
CA GLN A 241 -0.12 -4.60 -2.78
C GLN A 241 1.29 -4.57 -3.38
N ARG A 242 2.09 -5.58 -3.05
CA ARG A 242 3.39 -5.78 -3.69
C ARG A 242 3.46 -7.24 -4.12
N TYR A 243 4.17 -7.50 -5.22
CA TYR A 243 4.55 -8.84 -5.62
C TYR A 243 6.03 -8.85 -6.02
N SER A 244 6.83 -9.79 -5.50
CA SER A 244 8.13 -10.05 -6.14
C SER A 244 7.87 -11.09 -7.22
N PHE A 245 8.46 -10.90 -8.40
CA PHE A 245 8.42 -11.93 -9.41
C PHE A 245 9.76 -12.08 -10.09
N VAL A 246 10.08 -13.33 -10.46
CA VAL A 246 11.29 -13.63 -11.20
C VAL A 246 10.99 -13.59 -12.69
N LEU A 247 11.82 -12.86 -13.41
CA LEU A 247 11.76 -12.85 -14.84
C LEU A 247 13.10 -13.38 -15.34
N ASN A 248 13.02 -14.44 -16.14
CA ASN A 248 14.15 -14.99 -16.84
C ASN A 248 14.26 -14.27 -18.19
N ALA A 249 15.36 -13.53 -18.34
CA ALA A 249 15.65 -12.77 -19.55
C ALA A 249 16.20 -13.71 -20.62
N ASP A 250 15.32 -14.60 -21.10
CA ASP A 250 15.72 -15.70 -21.99
C ASP A 250 15.08 -15.63 -23.36
N GLN A 251 14.49 -14.48 -23.68
CA GLN A 251 13.88 -14.31 -24.99
C GLN A 251 14.88 -13.65 -25.91
N ASP A 252 14.56 -13.60 -27.19
CA ASP A 252 15.32 -12.85 -28.18
C ASP A 252 15.63 -11.44 -27.66
N VAL A 253 16.89 -11.01 -27.79
CA VAL A 253 17.24 -9.60 -27.57
C VAL A 253 16.29 -8.72 -28.37
N ASP A 254 15.60 -7.82 -27.68
CA ASP A 254 14.52 -7.01 -28.26
C ASP A 254 13.99 -6.03 -27.20
N ASN A 255 13.08 -5.15 -27.62
CA ASN A 255 12.31 -4.33 -26.67
C ASN A 255 10.96 -4.98 -26.50
N TYR A 256 10.48 -5.03 -25.26
CA TYR A 256 9.20 -5.65 -24.98
C TYR A 256 8.35 -4.69 -24.16
N TRP A 257 7.09 -4.54 -24.54
CA TRP A 257 6.20 -3.68 -23.79
C TRP A 257 5.98 -4.24 -22.39
N ILE A 258 6.16 -3.39 -21.39
CA ILE A 258 5.69 -3.63 -20.03
C ILE A 258 4.32 -2.96 -19.96
N ARG A 259 3.30 -3.71 -19.55
CA ARG A 259 1.91 -3.21 -19.59
C ARG A 259 1.25 -3.13 -18.21
N ALA A 260 0.46 -2.08 -17.99
CA ALA A 260 -0.28 -1.89 -16.73
C ALA A 260 -1.66 -1.28 -16.97
N LEU A 261 -2.61 -2.13 -17.31
CA LEU A 261 -3.95 -1.68 -17.64
C LEU A 261 -4.74 -1.34 -16.37
N PRO A 262 -5.08 -0.04 -16.21
CA PRO A 262 -5.94 0.38 -15.10
C PRO A 262 -7.37 -0.09 -15.31
N ASN A 263 -8.10 -0.34 -14.22
CA ASN A 263 -9.49 -0.78 -14.28
C ASN A 263 -10.48 0.38 -14.52
N SER A 264 -9.96 1.61 -14.57
CA SER A 264 -10.74 2.80 -14.91
C SER A 264 -9.84 3.83 -15.60
N GLY A 265 -10.45 4.82 -16.27
CA GLY A 265 -9.73 5.82 -17.03
C GLY A 265 -9.42 5.31 -18.43
N THR A 266 -8.26 5.71 -18.96
CA THR A 266 -7.81 5.23 -20.26
C THR A 266 -7.52 3.73 -20.17
N GLN A 267 -8.42 2.91 -20.70
CA GLN A 267 -8.23 1.45 -20.72
C GLN A 267 -7.76 0.90 -22.08
N ASN A 268 -6.62 1.40 -22.56
CA ASN A 268 -5.95 0.86 -23.74
C ASN A 268 -4.46 1.24 -23.70
N PHE A 269 -3.73 0.93 -24.77
CA PHE A 269 -2.28 1.23 -24.84
C PHE A 269 -1.90 2.13 -26.00
N ALA A 270 -2.92 2.70 -26.66
CA ALA A 270 -2.72 3.56 -27.83
C ALA A 270 -1.65 4.60 -27.56
N GLY A 271 -0.64 4.63 -28.45
CA GLY A 271 0.46 5.57 -28.32
C GLY A 271 1.38 5.36 -27.14
N GLY A 272 1.40 4.16 -26.56
CA GLY A 272 2.33 3.86 -25.45
C GLY A 272 1.86 4.31 -24.07
N THR A 273 0.55 4.55 -23.98
CA THR A 273 -0.14 4.90 -22.74
C THR A 273 -0.17 3.64 -21.85
N ASN A 274 -0.05 3.80 -20.52
CA ASN A 274 -0.11 2.66 -19.60
C ASN A 274 0.98 1.61 -19.82
N SER A 275 2.18 2.05 -20.14
CA SER A 275 3.21 1.16 -20.61
C SER A 275 4.58 1.63 -20.15
N ALA A 276 5.52 0.69 -20.02
CA ALA A 276 6.96 1.01 -19.94
C ALA A 276 7.73 0.07 -20.88
N ILE A 277 9.05 0.20 -20.92
CA ILE A 277 9.85 -0.60 -21.85
C ILE A 277 10.78 -1.60 -21.13
N LEU A 278 10.65 -2.88 -21.47
CA LEU A 278 11.64 -3.88 -21.08
C LEU A 278 12.67 -3.98 -22.21
N ARG A 279 13.87 -3.49 -21.96
CA ARG A 279 14.91 -3.47 -23.00
C ARG A 279 16.01 -4.49 -22.73
N TYR A 280 16.21 -5.43 -23.66
CA TYR A 280 17.35 -6.34 -23.55
C TYR A 280 18.65 -5.60 -23.89
N ASP A 281 19.69 -5.82 -23.10
C ASP A 281 21.59 -5.47 -25.02
N GLY A 282 21.70 -4.41 -25.82
CA GLY A 282 22.00 -4.57 -27.24
C GLY A 282 20.83 -4.25 -28.16
N ALA A 283 19.62 -4.23 -27.60
CA ALA A 283 18.44 -3.91 -28.41
C ALA A 283 18.43 -2.43 -28.74
N ALA A 284 17.80 -2.08 -29.86
CA ALA A 284 17.68 -0.68 -30.30
C ALA A 284 16.98 0.18 -29.23
N PRO A 285 17.44 1.44 -29.08
CA PRO A 285 16.81 2.35 -28.12
C PRO A 285 15.53 2.95 -28.67
N VAL A 286 14.58 2.09 -29.01
CA VAL A 286 13.30 2.51 -29.59
C VAL A 286 12.15 1.86 -28.82
N GLU A 287 10.93 2.20 -29.17
CA GLU A 287 9.74 1.65 -28.55
C GLU A 287 9.56 0.19 -28.95
N PRO A 288 8.96 -0.63 -28.06
CA PRO A 288 8.54 -1.96 -28.47
C PRO A 288 7.46 -1.88 -29.54
N THR A 289 7.37 -2.92 -30.35
CA THR A 289 6.28 -3.06 -31.32
C THR A 289 5.66 -4.42 -31.11
N THR A 290 5.91 -5.00 -29.94
CA THR A 290 5.39 -6.31 -29.58
C THR A 290 3.87 -6.27 -29.40
N SER A 291 3.27 -7.44 -29.50
CA SER A 291 1.83 -7.58 -29.41
C SER A 291 1.48 -8.25 -28.11
N GLN A 292 0.39 -7.80 -27.51
CA GLN A 292 -0.15 -8.46 -26.34
C GLN A 292 -0.88 -9.69 -26.85
N THR A 293 -0.53 -10.85 -26.31
CA THR A 293 -1.28 -12.07 -26.56
C THR A 293 -2.23 -12.29 -25.38
N PRO A 294 -3.37 -12.96 -25.64
CA PRO A 294 -4.35 -13.19 -24.56
C PRO A 294 -3.72 -13.83 -23.32
N SER A 295 -4.22 -13.46 -22.15
CA SER A 295 -3.75 -14.04 -20.91
C SER A 295 -4.43 -15.37 -20.65
N THR A 296 -3.63 -16.44 -20.71
CA THR A 296 -4.15 -17.79 -20.54
C THR A 296 -3.81 -18.38 -19.16
N ASN A 297 -2.89 -17.74 -18.45
CA ASN A 297 -2.49 -18.20 -17.12
C ASN A 297 -2.38 -17.00 -16.17
N PRO A 298 -3.52 -16.34 -15.88
CA PRO A 298 -3.55 -15.19 -14.98
C PRO A 298 -3.31 -15.58 -13.54
N LEU A 299 -2.77 -14.67 -12.74
CA LEU A 299 -2.68 -14.91 -11.31
C LEU A 299 -4.10 -15.07 -10.74
N VAL A 300 -4.29 -16.11 -9.92
CA VAL A 300 -5.51 -16.30 -9.16
C VAL A 300 -5.11 -16.34 -7.70
N GLU A 301 -5.58 -15.37 -6.91
CA GLU A 301 -5.18 -15.25 -5.51
C GLU A 301 -5.38 -16.51 -4.68
N SER A 302 -6.45 -17.26 -4.96
CA SER A 302 -6.75 -18.48 -4.22
C SER A 302 -5.78 -19.62 -4.54
N ALA A 303 -5.10 -19.52 -5.67
CA ALA A 303 -4.13 -20.55 -6.05
C ALA A 303 -2.73 -20.26 -5.52
N LEU A 304 -2.55 -19.08 -4.91
CA LEU A 304 -1.29 -18.77 -4.24
C LEU A 304 -1.32 -19.35 -2.84
N THR A 305 -0.16 -19.74 -2.34
CA THR A 305 0.00 -20.20 -0.98
C THR A 305 1.34 -19.70 -0.44
N THR A 306 1.50 -19.72 0.88
CA THR A 306 2.76 -19.32 1.50
C THR A 306 3.82 -20.38 1.29
N LEU A 307 5.07 -19.98 1.44
CA LEU A 307 6.19 -20.89 1.25
C LEU A 307 6.13 -22.07 2.22
N LYS A 308 5.62 -21.81 3.42
CA LYS A 308 5.61 -22.77 4.53
C LYS A 308 4.31 -23.59 4.55
N GLY A 309 3.28 -23.08 3.89
CA GLY A 309 2.01 -23.77 3.81
C GLY A 309 1.24 -23.57 5.10
N THR A 310 1.59 -22.49 5.79
CA THR A 310 0.98 -22.11 7.05
C THR A 310 -0.54 -22.21 6.97
N ALA A 311 -1.13 -22.88 7.94
CA ALA A 311 -2.58 -22.94 8.02
C ALA A 311 -3.11 -21.58 8.49
N ALA A 312 -4.36 -21.30 8.14
CA ALA A 312 -5.07 -20.18 8.73
C ALA A 312 -5.18 -20.43 10.23
N PRO A 313 -5.12 -19.34 11.02
CA PRO A 313 -5.47 -19.34 12.43
C PRO A 313 -6.81 -19.99 12.70
N GLY A 314 -6.94 -20.62 13.86
CA GLY A 314 -8.20 -21.18 14.31
C GLY A 314 -8.53 -22.54 13.74
N SER A 315 -9.76 -22.97 13.95
CA SER A 315 -10.18 -24.26 13.45
C SER A 315 -10.82 -24.05 12.08
N PRO A 316 -10.66 -25.03 11.17
CA PRO A 316 -11.13 -24.94 9.79
C PRO A 316 -12.65 -24.92 9.58
N THR A 317 -13.33 -23.95 10.16
CA THR A 317 -14.78 -23.83 9.95
C THR A 317 -15.27 -22.38 10.16
N PRO A 318 -16.31 -21.94 9.41
CA PRO A 318 -16.82 -20.58 9.64
C PRO A 318 -17.04 -20.29 11.13
N GLY A 319 -16.61 -19.11 11.58
CA GLY A 319 -16.75 -18.69 12.97
C GLY A 319 -15.89 -19.44 13.99
N GLY A 320 -15.08 -20.38 13.50
CA GLY A 320 -14.17 -21.17 14.34
C GLY A 320 -13.00 -20.37 14.88
N VAL A 321 -13.31 -19.31 15.62
CA VAL A 321 -12.32 -18.38 16.18
C VAL A 321 -12.84 -17.75 17.48
N ASP A 322 -11.99 -16.99 18.16
CA ASP A 322 -12.37 -16.27 19.38
C ASP A 322 -13.44 -15.20 19.11
N LEU A 323 -13.18 -14.37 18.09
CA LEU A 323 -14.10 -13.33 17.68
C LEU A 323 -14.25 -13.29 16.17
N ALA A 324 -15.49 -13.40 15.69
CA ALA A 324 -15.79 -13.18 14.28
C ALA A 324 -16.55 -11.88 14.13
N LEU A 325 -16.13 -11.06 13.17
CA LEU A 325 -16.80 -9.80 12.85
C LEU A 325 -17.20 -9.73 11.37
N ASN A 326 -18.31 -9.07 11.09
CA ASN A 326 -18.77 -8.87 9.72
C ASN A 326 -18.92 -7.38 9.47
N MET A 327 -18.26 -6.90 8.41
CA MET A 327 -18.26 -5.48 8.04
C MET A 327 -19.23 -5.24 6.87
N ALA A 328 -20.36 -4.63 7.16
CA ALA A 328 -21.38 -4.37 6.13
C ALA A 328 -21.19 -2.97 5.54
N PHE A 329 -20.85 -2.92 4.24
CA PHE A 329 -20.58 -1.64 3.57
C PHE A 329 -21.86 -0.96 3.13
N GLY A 330 -21.84 0.36 3.18
CA GLY A 330 -22.93 1.20 2.69
C GLY A 330 -22.39 2.55 2.30
N PHE A 331 -23.29 3.42 1.86
CA PHE A 331 -22.95 4.74 1.36
C PHE A 331 -24.17 5.63 1.54
N ALA A 332 -23.98 6.76 2.23
CA ALA A 332 -25.04 7.74 2.44
C ALA A 332 -24.45 9.13 2.62
N GLY A 333 -24.96 10.10 1.85
CA GLY A 333 -24.62 11.51 2.02
C GLY A 333 -23.18 11.84 1.67
N GLY A 334 -22.68 11.22 0.61
CA GLY A 334 -21.29 11.40 0.20
C GLY A 334 -20.31 10.70 1.12
N ASN A 335 -20.82 9.87 2.02
CA ASN A 335 -19.99 9.14 2.98
C ASN A 335 -20.11 7.63 2.88
N PHE A 336 -18.97 6.95 2.90
CA PHE A 336 -18.95 5.50 3.01
C PHE A 336 -19.21 5.13 4.45
N THR A 337 -19.93 4.03 4.66
CA THR A 337 -20.17 3.50 5.99
C THR A 337 -19.72 2.04 6.11
N ILE A 338 -19.43 1.64 7.34
CA ILE A 338 -19.17 0.25 7.68
C ILE A 338 -19.97 -0.01 8.94
N ASN A 339 -20.93 -0.93 8.84
CA ASN A 339 -21.87 -1.18 9.95
C ASN A 339 -22.55 0.13 10.39
N GLY A 340 -23.04 0.89 9.41
CA GLY A 340 -23.79 2.13 9.65
C GLY A 340 -22.98 3.36 10.04
N ALA A 341 -21.68 3.18 10.27
CA ALA A 341 -20.81 4.26 10.77
C ALA A 341 -19.75 4.67 9.75
N SER A 342 -19.60 5.99 9.60
CA SER A 342 -18.61 6.58 8.71
C SER A 342 -17.45 7.07 9.56
N PHE A 343 -16.23 7.01 9.00
CA PHE A 343 -15.05 7.45 9.74
C PHE A 343 -14.70 8.92 9.53
N THR A 344 -14.67 9.66 10.62
CA THR A 344 -14.23 11.04 10.64
C THR A 344 -13.07 11.06 11.61
N PRO A 345 -11.92 11.62 11.20
CA PRO A 345 -10.78 11.61 12.09
C PRO A 345 -11.10 12.39 13.38
N PRO A 346 -10.97 11.72 14.54
CA PRO A 346 -11.17 12.41 15.82
C PRO A 346 -10.05 13.42 16.06
N THR A 347 -10.29 14.41 16.91
CA THR A 347 -9.31 15.45 17.18
C THR A 347 -8.17 14.93 18.07
N VAL A 348 -8.47 13.99 18.96
CA VAL A 348 -7.46 13.33 19.78
C VAL A 348 -7.15 11.98 19.12
N PRO A 349 -5.87 11.76 18.72
CA PRO A 349 -5.55 10.50 18.08
C PRO A 349 -5.99 9.31 18.93
N VAL A 350 -6.46 8.27 18.27
CA VAL A 350 -6.98 7.05 18.90
C VAL A 350 -5.99 6.47 19.91
N LEU A 351 -4.71 6.41 19.54
CA LEU A 351 -3.69 5.96 20.46
C LEU A 351 -3.64 6.84 21.71
N LEU A 352 -3.84 8.14 21.51
CA LEU A 352 -3.67 9.08 22.62
C LEU A 352 -4.85 8.94 23.56
N GLN A 353 -6.03 8.71 22.97
CA GLN A 353 -7.24 8.42 23.73
C GLN A 353 -6.98 7.24 24.67
N ILE A 354 -6.44 6.16 24.11
CA ILE A 354 -6.13 4.96 24.88
C ILE A 354 -5.16 5.25 26.01
N LEU A 355 -4.00 5.85 25.67
CA LEU A 355 -2.99 6.27 26.65
C LEU A 355 -3.55 7.21 27.70
N SER A 356 -4.58 7.97 27.32
CA SER A 356 -5.14 8.95 28.21
C SER A 356 -6.21 8.34 29.13
N GLY A 357 -6.47 7.05 28.97
CA GLY A 357 -7.33 6.34 29.90
C GLY A 357 -8.61 5.74 29.33
N ALA A 358 -8.81 5.84 28.02
CA ALA A 358 -9.95 5.14 27.41
C ALA A 358 -9.77 3.64 27.61
N GLN A 359 -10.86 2.95 27.99
CA GLN A 359 -10.77 1.54 28.39
C GLN A 359 -11.52 0.61 27.43
N SER A 360 -12.38 1.18 26.59
CA SER A 360 -13.21 0.38 25.71
C SER A 360 -13.53 1.11 24.41
N ALA A 361 -14.18 0.39 23.49
CA ALA A 361 -14.53 0.90 22.18
C ALA A 361 -15.66 1.93 22.21
N ALA A 362 -16.51 1.85 23.23
CA ALA A 362 -17.56 2.86 23.44
C ALA A 362 -17.00 4.19 23.96
N ASP A 363 -15.87 4.11 24.67
CA ASP A 363 -15.12 5.29 25.12
C ASP A 363 -14.40 5.96 23.95
N LEU A 364 -14.10 5.16 22.93
CA LEU A 364 -13.19 5.60 21.90
C LEU A 364 -13.91 6.31 20.76
N LEU A 365 -13.34 7.45 20.37
CA LEU A 365 -13.86 8.24 19.28
C LEU A 365 -13.07 7.93 17.99
N PRO A 366 -13.74 7.87 16.83
CA PRO A 366 -15.17 8.19 16.66
C PRO A 366 -16.13 7.05 17.04
N ALA A 367 -17.31 7.43 17.53
CA ALA A 367 -18.31 6.46 18.00
C ALA A 367 -18.80 5.59 16.84
N GLY A 368 -18.83 4.28 17.08
CA GLY A 368 -19.31 3.33 16.06
C GLY A 368 -18.25 2.87 15.06
N SER A 369 -17.10 3.55 15.05
CA SER A 369 -15.98 3.20 14.17
C SER A 369 -14.86 2.37 14.83
N VAL A 370 -14.92 2.14 16.14
CA VAL A 370 -13.87 1.40 16.87
C VAL A 370 -14.31 0.01 17.38
N TYR A 371 -13.49 -1.01 17.10
CA TYR A 371 -13.75 -2.38 17.54
C TYR A 371 -12.66 -2.85 18.50
N SER A 372 -13.09 -3.32 19.67
CA SER A 372 -12.15 -3.85 20.65
C SER A 372 -11.80 -5.27 20.28
N LEU A 373 -10.52 -5.62 20.38
CA LEU A 373 -10.08 -6.98 20.09
C LEU A 373 -9.37 -7.58 21.29
N PRO A 374 -9.73 -8.84 21.63
CA PRO A 374 -9.16 -9.53 22.77
C PRO A 374 -7.68 -9.80 22.52
N ALA A 375 -6.92 -9.95 23.60
CA ALA A 375 -5.49 -10.19 23.52
C ALA A 375 -5.24 -11.63 23.11
N ASN A 376 -4.24 -11.82 22.25
CA ASN A 376 -3.68 -13.14 21.93
C ASN A 376 -4.70 -14.13 21.39
N ALA A 377 -5.44 -13.71 20.38
CA ALA A 377 -6.58 -14.48 19.93
C ALA A 377 -6.57 -14.65 18.41
N ASP A 378 -7.45 -15.51 17.89
CA ASP A 378 -7.71 -15.55 16.46
C ASP A 378 -8.97 -14.80 16.14
N ILE A 379 -8.91 -14.04 15.06
CA ILE A 379 -10.00 -13.20 14.65
C ILE A 379 -10.39 -13.58 13.23
N GLU A 380 -11.69 -13.52 12.93
CA GLU A 380 -12.14 -13.65 11.55
C GLU A 380 -12.98 -12.46 11.15
N ILE A 381 -12.61 -11.83 10.04
CA ILE A 381 -13.36 -10.71 9.49
C ILE A 381 -13.80 -11.04 8.07
N SER A 382 -15.09 -10.85 7.80
CA SER A 382 -15.63 -10.94 6.45
C SER A 382 -16.01 -9.56 5.95
N LEU A 383 -15.74 -9.31 4.68
CA LEU A 383 -15.93 -7.99 4.10
C LEU A 383 -16.71 -8.12 2.79
N PRO A 384 -17.99 -8.53 2.90
CA PRO A 384 -18.75 -8.84 1.69
C PRO A 384 -18.93 -7.59 0.84
N ALA A 385 -18.65 -7.74 -0.47
CA ALA A 385 -18.75 -6.67 -1.43
C ALA A 385 -20.20 -6.33 -1.68
N THR A 386 -20.44 -5.11 -2.10
CA THR A 386 -21.80 -4.62 -2.31
C THR A 386 -21.84 -3.47 -3.29
N ALA A 387 -22.93 -3.39 -4.06
CA ALA A 387 -23.15 -2.29 -5.01
C ALA A 387 -23.46 -1.00 -4.25
N ALA A 388 -23.89 -1.16 -3.00
CA ALA A 388 -24.23 -0.06 -2.10
C ALA A 388 -23.01 0.76 -1.67
N ALA A 389 -21.82 0.34 -2.11
CA ALA A 389 -20.58 1.08 -1.92
C ALA A 389 -19.86 1.16 -3.26
N PRO A 390 -20.19 2.19 -4.08
CA PRO A 390 -19.69 2.33 -5.45
C PRO A 390 -18.17 2.29 -5.60
N GLY A 391 -17.72 1.99 -6.82
CA GLY A 391 -16.31 1.96 -7.14
C GLY A 391 -15.60 0.71 -6.65
N PHE A 392 -16.37 -0.36 -6.43
CA PHE A 392 -15.78 -1.68 -6.20
C PHE A 392 -14.90 -2.05 -7.42
N PRO A 393 -13.93 -2.95 -7.25
CA PRO A 393 -13.59 -3.68 -6.02
C PRO A 393 -12.77 -2.85 -5.05
N HIS A 394 -13.11 -2.93 -3.78
CA HIS A 394 -12.43 -2.17 -2.75
C HIS A 394 -11.36 -2.99 -2.05
N PRO A 395 -10.08 -2.60 -2.21
CA PRO A 395 -8.98 -3.23 -1.51
C PRO A 395 -8.89 -2.73 -0.09
N PHE A 396 -8.83 -3.65 0.86
CA PHE A 396 -8.71 -3.30 2.26
C PHE A 396 -7.32 -3.65 2.78
N HIS A 397 -6.85 -2.88 3.74
CA HIS A 397 -5.53 -3.02 4.30
C HIS A 397 -5.72 -3.04 5.78
N LEU A 398 -5.06 -3.99 6.44
CA LEU A 398 -5.03 -4.04 7.90
C LEU A 398 -3.64 -3.72 8.42
N HIS A 399 -3.53 -2.66 9.21
CA HIS A 399 -2.25 -2.17 9.75
C HIS A 399 -1.79 -3.07 10.89
N GLY A 400 -0.47 -3.13 11.08
CA GLY A 400 0.13 -3.90 12.17
C GLY A 400 0.03 -5.43 12.07
N HIS A 401 -0.38 -5.94 10.92
CA HIS A 401 -0.74 -7.34 10.77
C HIS A 401 -0.67 -7.88 9.35
N VAL A 402 -0.32 -9.16 9.24
CA VAL A 402 -0.58 -9.94 8.04
C VAL A 402 -1.81 -10.82 8.33
N PHE A 403 -2.59 -11.20 7.31
CA PHE A 403 -3.77 -12.02 7.52
C PHE A 403 -3.88 -13.17 6.54
N ALA A 404 -4.53 -14.26 6.98
CA ALA A 404 -4.87 -15.37 6.10
C ALA A 404 -6.07 -14.97 5.26
N VAL A 405 -5.98 -15.13 3.94
CA VAL A 405 -7.13 -14.89 3.08
C VAL A 405 -7.88 -16.20 2.91
N VAL A 406 -8.72 -16.55 3.89
CA VAL A 406 -9.43 -17.81 3.81
C VAL A 406 -10.30 -17.85 2.58
N ARG A 407 -10.81 -16.68 2.17
CA ARG A 407 -11.62 -16.60 0.94
C ARG A 407 -11.27 -15.36 0.11
N SER A 408 -11.06 -15.57 -1.19
CA SER A 408 -10.70 -14.50 -2.14
C SER A 408 -11.86 -14.03 -3.04
N ALA A 409 -11.66 -12.89 -3.70
CA ALA A 409 -12.63 -12.39 -4.66
C ALA A 409 -12.67 -13.33 -5.86
N GLY A 410 -13.87 -13.64 -6.30
CA GLY A 410 -14.08 -14.50 -7.45
C GLY A 410 -13.92 -15.96 -7.09
N SER A 411 -13.83 -16.26 -5.79
CA SER A 411 -13.83 -17.64 -5.33
C SER A 411 -15.03 -17.92 -4.41
N SER A 412 -15.58 -19.14 -4.51
CA SER A 412 -16.72 -19.58 -3.68
C SER A 412 -16.26 -20.40 -2.49
N THR A 413 -14.96 -20.68 -2.44
CA THR A 413 -14.42 -21.68 -1.52
C THR A 413 -13.66 -21.03 -0.38
N TYR A 414 -13.61 -21.75 0.74
CA TYR A 414 -12.85 -21.33 1.90
C TYR A 414 -11.61 -22.19 1.98
N ASN A 415 -10.48 -21.57 2.31
CA ASN A 415 -9.26 -22.34 2.48
C ASN A 415 -8.56 -22.04 3.81
N TYR A 416 -8.72 -22.96 4.75
CA TYR A 416 -8.17 -22.85 6.09
C TYR A 416 -6.81 -23.53 6.24
N ALA A 417 -6.36 -24.28 5.24
CA ALA A 417 -5.19 -25.17 5.39
C ALA A 417 -3.85 -24.62 4.86
N ASN A 418 -3.89 -23.92 3.73
CA ASN A 418 -2.69 -23.29 3.21
C ASN A 418 -2.97 -22.05 2.39
N PRO A 419 -3.83 -21.16 2.92
CA PRO A 419 -4.23 -19.98 2.16
C PRO A 419 -3.05 -19.02 2.06
N VAL A 420 -3.08 -18.15 1.06
CA VAL A 420 -2.13 -17.06 0.98
C VAL A 420 -2.25 -16.16 2.22
N TYR A 421 -1.13 -15.58 2.65
CA TYR A 421 -1.13 -14.56 3.67
C TYR A 421 -0.69 -13.27 2.99
N ARG A 422 -1.37 -12.18 3.32
CA ARG A 422 -1.02 -10.87 2.76
C ARG A 422 -1.44 -9.71 3.69
N ASP A 423 -1.44 -8.47 3.20
CA ASP A 423 -1.88 -7.38 4.05
C ASP A 423 -2.82 -6.41 3.38
N VAL A 424 -2.96 -6.52 2.05
CA VAL A 424 -3.97 -5.75 1.29
C VAL A 424 -4.74 -6.74 0.43
N VAL A 425 -6.07 -6.80 0.57
CA VAL A 425 -6.85 -7.76 -0.16
C VAL A 425 -8.01 -7.08 -0.87
N SER A 426 -8.24 -7.38 -2.15
CA SER A 426 -9.44 -6.92 -2.85
C SER A 426 -10.71 -7.57 -2.25
N THR A 427 -11.74 -6.77 -1.95
CA THR A 427 -13.00 -7.36 -1.45
C THR A 427 -13.95 -7.72 -2.58
N GLY A 428 -13.54 -7.40 -3.81
CA GLY A 428 -14.23 -7.92 -4.98
C GLY A 428 -15.47 -7.19 -5.42
N ALA A 429 -16.32 -7.93 -6.13
CA ALA A 429 -17.51 -7.38 -6.74
C ALA A 429 -18.75 -7.96 -6.01
N PRO A 430 -19.93 -7.34 -6.16
CA PRO A 430 -21.11 -7.80 -5.39
C PRO A 430 -21.37 -9.29 -5.51
N GLY A 431 -21.45 -9.96 -4.37
CA GLY A 431 -21.63 -11.41 -4.34
C GLY A 431 -20.47 -12.11 -3.64
N ASP A 432 -19.29 -11.52 -3.75
CA ASP A 432 -18.14 -11.99 -3.00
C ASP A 432 -18.37 -11.88 -1.48
N ASN A 433 -17.57 -12.65 -0.75
CA ASN A 433 -17.48 -12.51 0.68
C ASN A 433 -16.02 -12.74 1.13
N VAL A 434 -15.11 -11.87 0.64
CA VAL A 434 -13.69 -11.93 1.01
C VAL A 434 -13.56 -12.00 2.52
N THR A 435 -12.86 -13.00 3.03
CA THR A 435 -12.87 -13.29 4.43
C THR A 435 -11.44 -13.49 4.89
N ILE A 436 -11.06 -12.90 6.00
CA ILE A 436 -9.70 -12.97 6.48
C ILE A 436 -9.63 -13.39 7.94
N ARG A 437 -8.48 -13.88 8.37
CA ARG A 437 -8.24 -14.25 9.76
C ARG A 437 -6.86 -13.82 10.12
N PHE A 438 -6.72 -13.39 11.37
CA PHE A 438 -5.41 -13.01 11.88
C PHE A 438 -5.31 -13.27 13.37
N ARG A 439 -4.09 -13.11 13.89
CA ARG A 439 -3.82 -13.27 15.32
C ARG A 439 -3.64 -11.93 15.97
N THR A 440 -4.16 -11.76 17.17
CA THR A 440 -3.96 -10.50 17.89
C THR A 440 -2.66 -10.56 18.66
N ASP A 441 -1.56 -10.40 17.92
CA ASP A 441 -0.23 -10.52 18.50
C ASP A 441 0.45 -9.17 18.64
N ASN A 442 -0.34 -8.11 18.64
CA ASN A 442 0.21 -6.79 18.46
C ASN A 442 -0.61 -5.68 19.10
N PRO A 443 -0.40 -5.44 20.42
CA PRO A 443 -1.22 -4.46 21.08
C PRO A 443 -1.10 -3.05 20.48
N GLY A 444 -2.28 -2.46 20.22
CA GLY A 444 -2.36 -1.08 19.80
C GLY A 444 -3.53 -0.84 18.84
N PRO A 445 -3.83 0.44 18.57
CA PRO A 445 -4.88 0.77 17.61
C PRO A 445 -4.35 0.67 16.19
N TRP A 446 -5.08 -0.04 15.35
CA TRP A 446 -4.69 -0.33 13.97
C TRP A 446 -5.84 -0.04 13.01
N PHE A 447 -5.53 0.74 11.98
CA PHE A 447 -6.50 1.06 10.94
C PHE A 447 -6.79 -0.18 10.12
N LEU A 448 -8.07 -0.39 9.85
CA LEU A 448 -8.52 -1.29 8.82
C LEU A 448 -9.34 -0.43 7.87
N HIS A 449 -8.94 -0.31 6.62
CA HIS A 449 -9.62 0.62 5.73
C HIS A 449 -9.37 0.36 4.24
N CYS A 450 -10.21 1.00 3.43
CA CYS A 450 -10.07 0.98 2.00
C CYS A 450 -8.85 1.79 1.59
N HIS A 451 -8.00 1.18 0.76
CA HIS A 451 -6.75 1.81 0.32
C HIS A 451 -6.91 2.63 -0.95
N ILE A 452 -8.09 2.62 -1.57
CA ILE A 452 -8.41 3.71 -2.50
C ILE A 452 -8.55 4.95 -1.60
N ASP A 453 -7.62 5.89 -1.78
CA ASP A 453 -7.47 7.04 -0.87
C ASP A 453 -8.61 8.06 -0.97
N PHE A 454 -9.18 8.19 -2.17
CA PHE A 454 -10.34 9.07 -2.41
C PHE A 454 -11.61 8.59 -1.68
N HIS A 455 -11.67 7.28 -1.40
CA HIS A 455 -12.71 6.67 -0.57
C HIS A 455 -12.38 6.73 0.92
N LEU A 456 -11.09 6.77 1.27
CA LEU A 456 -10.65 6.89 2.68
C LEU A 456 -10.96 8.28 3.24
N GLU A 457 -10.90 9.28 2.36
CA GLU A 457 -11.42 10.63 2.63
C GLU A 457 -12.92 10.55 2.97
N ALA A 458 -13.65 9.74 2.22
CA ALA A 458 -15.10 9.56 2.44
C ALA A 458 -15.45 8.61 3.61
N GLY A 459 -14.46 8.27 4.44
CA GLY A 459 -14.70 7.53 5.68
C GLY A 459 -14.88 6.01 5.58
N PHE A 460 -14.38 5.39 4.52
CA PHE A 460 -14.47 3.95 4.37
C PHE A 460 -13.44 3.25 5.27
N ALA A 461 -13.60 3.36 6.58
CA ALA A 461 -12.58 2.90 7.54
C ALA A 461 -13.13 2.49 8.89
N VAL A 462 -12.43 1.57 9.54
CA VAL A 462 -12.65 1.28 10.95
C VAL A 462 -11.28 1.17 11.64
N VAL A 463 -11.30 1.18 12.97
CA VAL A 463 -10.09 1.06 13.76
C VAL A 463 -10.23 -0.17 14.63
N MET A 464 -9.22 -1.04 14.58
CA MET A 464 -9.10 -2.20 15.46
C MET A 464 -8.34 -1.79 16.72
N ALA A 465 -9.05 -1.78 17.85
CA ALA A 465 -8.42 -1.43 19.09
C ALA A 465 -8.01 -2.72 19.80
N GLU A 466 -6.79 -3.14 19.48
CA GLU A 466 -6.31 -4.48 19.82
C GLU A 466 -5.61 -4.46 21.16
N ASP A 467 -6.09 -5.33 22.05
CA ASP A 467 -5.55 -5.49 23.40
C ASP A 467 -5.38 -4.13 24.14
N ILE A 468 -6.49 -3.41 24.28
CA ILE A 468 -6.48 -2.10 24.96
C ILE A 468 -5.69 -2.07 26.28
N PRO A 469 -5.88 -3.05 27.20
CA PRO A 469 -5.21 -2.95 28.48
C PRO A 469 -3.69 -2.93 28.40
N ASP A 470 -3.13 -3.39 27.28
CA ASP A 470 -1.67 -3.52 27.15
C ASP A 470 -1.04 -2.52 26.19
N VAL A 471 -1.81 -1.57 25.69
CA VAL A 471 -1.32 -0.66 24.68
C VAL A 471 -0.21 0.25 25.22
N ALA A 472 -0.49 0.92 26.35
CA ALA A 472 0.49 1.83 26.97
C ALA A 472 1.80 1.17 27.36
N ALA A 473 1.73 0.02 28.03
CA ALA A 473 2.94 -0.70 28.45
C ALA A 473 3.77 -1.22 27.27
N THR A 474 3.11 -1.75 26.23
CA THR A 474 3.75 -2.29 25.04
C THR A 474 4.33 -1.20 24.12
N ASN A 475 3.76 0.01 24.19
CA ASN A 475 4.10 1.05 23.25
C ASN A 475 4.60 2.35 23.90
N PRO A 476 5.75 2.29 24.63
CA PRO A 476 6.25 3.55 25.18
C PRO A 476 6.53 4.54 24.04
N VAL A 477 6.06 5.77 24.21
CA VAL A 477 6.16 6.80 23.18
C VAL A 477 7.28 7.80 23.50
N PRO A 478 8.04 8.22 22.47
CA PRO A 478 9.11 9.21 22.68
C PRO A 478 8.54 10.63 22.85
N GLN A 479 9.18 11.46 23.65
CA GLN A 479 8.70 12.83 23.91
C GLN A 479 8.39 13.64 22.64
N ALA A 480 9.10 13.37 21.55
CA ALA A 480 8.79 13.99 20.26
C ALA A 480 7.39 13.60 19.77
N TRP A 481 7.00 12.34 20.00
CA TRP A 481 5.64 11.91 19.67
C TRP A 481 4.63 12.69 20.49
N SER A 482 4.90 12.83 21.79
CA SER A 482 3.99 13.49 22.71
C SER A 482 3.86 14.99 22.42
N ASP A 483 4.84 15.57 21.71
CA ASP A 483 4.81 16.97 21.29
C ASP A 483 4.08 17.23 19.97
N LEU A 484 3.76 16.18 19.22
CA LEU A 484 3.09 16.36 17.92
C LEU A 484 1.74 17.07 18.05
N CYS A 485 0.86 16.55 18.91
CA CYS A 485 -0.48 17.11 19.07
C CYS A 485 -0.50 18.55 19.59
N PRO A 486 0.20 18.85 20.70
CA PRO A 486 0.17 20.25 21.12
C PRO A 486 0.62 21.16 19.97
N THR A 487 1.73 20.82 19.31
CA THR A 487 2.26 21.61 18.18
C THR A 487 1.28 21.75 17.00
N TYR A 488 0.55 20.69 16.70
CA TYR A 488 -0.39 20.70 15.58
C TYR A 488 -1.68 21.44 15.92
N ASP A 489 -2.11 21.33 17.17
CA ASP A 489 -3.31 22.01 17.62
C ASP A 489 -3.10 23.52 17.77
N ALA A 490 -1.83 23.94 17.90
CA ALA A 490 -1.54 25.38 17.94
C ALA A 490 -1.66 26.05 16.57
N LEU A 491 -1.54 25.28 15.49
CA LEU A 491 -1.62 25.80 14.11
C LEU A 491 -2.99 26.33 13.74
N SER A 492 -3.04 27.40 12.96
CA SER A 492 -4.30 27.86 12.39
C SER A 492 -4.69 27.00 11.18
N PRO A 493 -6.00 26.86 10.93
CA PRO A 493 -6.40 26.01 9.82
C PRO A 493 -5.60 26.22 8.53
N ASP A 494 -5.28 27.47 8.16
CA ASP A 494 -4.59 27.71 6.87
C ASP A 494 -3.17 27.14 6.83
N ASP A 495 -2.58 26.92 8.01
CA ASP A 495 -1.25 26.32 8.11
C ASP A 495 -1.27 24.78 8.23
N GLN A 496 -2.46 24.18 8.25
CA GLN A 496 -2.61 22.73 8.40
C GLN A 496 -2.18 21.97 7.15
#